data_1QKZ
#
_entry.id   1QKZ
#
_cell.length_a   43.482
_cell.length_b   63.099
_cell.length_c   89.374
_cell.angle_alpha   90.00
_cell.angle_beta   81.54
_cell.angle_gamma   90.00
#
_symmetry.space_group_name_H-M   'P 1 21 1'
#
loop_
_entity.id
_entity.type
_entity.pdbx_description
1 polymer 'PROTEIN G-PRIME'
2 polymer ANTIBODY
3 polymer ANTIBODY
4 polymer 'MAJOR OUTER MEMBRANE PROTEIN P1.16'
5 water water
#
loop_
_entity_poly.entity_id
_entity_poly.type
_entity_poly.pdbx_seq_one_letter_code
_entity_poly.pdbx_strand_id
1 'polypeptide(L)' MTPAVTTYKLVINGKTLKGETTTKAVDAATAEKVFKQYANDNGVDGEWTYDDATKTFTVTEKPE A
2 'polypeptide(L)'
;DVKLVESGGGLVKPGRSLKLSCAASGFTFSDYYMFWVRQTPEQRLEWVATISDGGAYTYYPDSVKGRFTISRDNAKNNLY
LQMNSLKSEDTGMYYCARDPLEYYGMDYWGQGTSVAVSSAKTTAPSVYPLAPVCGDTTGSSVTLGCLVKGYFPEPVTVTW
NSGSLSSGVHTFPAVLQSDLYTLSSSVNVTSSTWPSQSITCNVAHPASSTKVDKKIVPR
;
H
3 'polypeptide(L)'
;NIVMTQTPLSLPVSLGDQASISCRSSQSLVHSNGNTYLHWYLQKPGQSPKLLIYTVSNRFSGVPDRFSGSGSGTDFTLKI
SRVEAEDLGVYFCSQSTHFPTFGGGTKLEIKRADAAPTVSIFPPSSEQLTSGGASVVCFLNNFYPKDINVKWKIDGKERQ
NGVLNSWTDQDSKDSTYSMSSTLTLTKDEYERHNSYTCEATHKTSTSPIVKSFNRNE
;
L
4 'polypeptide(L)' ANGGASGQVK P
#
# COMPACT_ATOMS: atom_id res chain seq x y z
N VAL A 5 -13.16 -1.72 31.49
CA VAL A 5 -13.09 -2.76 30.41
C VAL A 5 -12.17 -3.91 30.82
N THR A 6 -12.47 -5.12 30.35
CA THR A 6 -11.72 -6.32 30.53
C THR A 6 -11.77 -7.13 29.23
N THR A 7 -10.86 -8.08 29.05
CA THR A 7 -10.78 -8.85 27.81
C THR A 7 -11.66 -10.10 27.81
N TYR A 8 -12.44 -10.34 26.76
CA TYR A 8 -13.30 -11.49 26.60
C TYR A 8 -12.84 -12.21 25.32
N LYS A 9 -12.99 -13.52 25.30
CA LYS A 9 -12.51 -14.33 24.20
C LYS A 9 -13.62 -15.16 23.58
N LEU A 10 -13.43 -15.48 22.31
CA LEU A 10 -14.39 -16.27 21.56
C LEU A 10 -13.63 -17.40 20.86
N VAL A 11 -14.13 -18.61 21.05
CA VAL A 11 -13.66 -19.82 20.44
C VAL A 11 -14.73 -20.16 19.38
N ILE A 12 -14.28 -20.18 18.11
CA ILE A 12 -15.23 -20.53 17.06
C ILE A 12 -14.91 -21.93 16.56
N ASN A 13 -15.92 -22.78 16.74
CA ASN A 13 -15.88 -24.18 16.33
C ASN A 13 -16.92 -24.37 15.24
N GLY A 14 -16.64 -23.81 14.06
CA GLY A 14 -17.60 -23.92 12.96
C GLY A 14 -17.18 -25.05 12.01
N LYS A 15 -18.09 -25.40 11.09
CA LYS A 15 -17.78 -26.48 10.15
C LYS A 15 -16.57 -26.16 9.28
N THR A 16 -16.44 -24.91 8.80
CA THR A 16 -15.28 -24.58 7.99
C THR A 16 -14.45 -23.47 8.62
N LEU A 17 -15.07 -22.71 9.53
CA LEU A 17 -14.33 -21.63 10.21
C LEU A 17 -13.97 -22.06 11.62
N LYS A 18 -12.69 -22.12 11.97
CA LYS A 18 -12.30 -22.51 13.32
C LYS A 18 -11.21 -21.59 13.84
N GLY A 19 -11.24 -21.27 15.15
CA GLY A 19 -10.20 -20.41 15.69
C GLY A 19 -10.61 -19.56 16.85
N GLU A 20 -9.89 -18.44 17.01
CA GLU A 20 -10.10 -17.58 18.15
C GLU A 20 -10.06 -16.09 17.81
N THR A 21 -10.73 -15.31 18.62
CA THR A 21 -10.76 -13.86 18.54
C THR A 21 -11.08 -13.28 19.91
N THR A 22 -10.85 -11.99 20.12
CA THR A 22 -11.06 -11.36 21.42
C THR A 22 -11.70 -9.98 21.25
N THR A 23 -12.11 -9.43 22.39
CA THR A 23 -12.64 -8.08 22.42
C THR A 23 -12.52 -7.52 23.84
N LYS A 24 -12.43 -6.21 23.93
CA LYS A 24 -12.37 -5.50 25.21
C LYS A 24 -13.73 -4.88 25.48
N ALA A 25 -14.38 -5.30 26.57
CA ALA A 25 -15.73 -4.82 26.86
C ALA A 25 -15.95 -4.57 28.35
N VAL A 26 -17.01 -3.78 28.58
CA VAL A 26 -17.39 -3.41 29.95
C VAL A 26 -17.88 -4.64 30.71
N ASP A 27 -18.47 -5.61 30.00
CA ASP A 27 -18.93 -6.83 30.65
C ASP A 27 -19.16 -7.92 29.62
N ALA A 28 -19.48 -9.12 30.08
CA ALA A 28 -19.64 -10.26 29.19
C ALA A 28 -20.76 -10.08 28.21
N ALA A 29 -21.91 -9.55 28.71
CA ALA A 29 -23.04 -9.34 27.83
C ALA A 29 -22.65 -8.40 26.70
N THR A 30 -21.90 -7.36 26.95
CA THR A 30 -21.47 -6.39 25.95
C THR A 30 -20.53 -7.07 24.95
N ALA A 31 -19.67 -7.95 25.46
CA ALA A 31 -18.77 -8.72 24.59
C ALA A 31 -19.55 -9.70 23.73
N GLU A 32 -20.61 -10.32 24.27
CA GLU A 32 -21.38 -11.30 23.53
C GLU A 32 -22.03 -10.65 22.29
N LYS A 33 -22.48 -9.40 22.38
CA LYS A 33 -23.02 -8.72 21.20
C LYS A 33 -22.00 -8.46 20.10
N VAL A 34 -20.79 -8.06 20.47
CA VAL A 34 -19.70 -7.90 19.49
C VAL A 34 -19.39 -9.25 18.85
N PHE A 35 -19.28 -10.31 19.65
CA PHE A 35 -18.98 -11.64 19.13
C PHE A 35 -20.11 -12.17 18.26
N LYS A 36 -21.38 -11.93 18.60
CA LYS A 36 -22.45 -12.43 17.71
C LYS A 36 -22.45 -11.68 16.38
N GLN A 37 -22.05 -10.41 16.37
CA GLN A 37 -21.96 -9.64 15.13
C GLN A 37 -20.82 -10.21 14.26
N TYR A 38 -19.73 -10.54 14.93
CA TYR A 38 -18.54 -11.11 14.30
C TYR A 38 -18.89 -12.45 13.67
N ALA A 39 -19.54 -13.34 14.42
CA ALA A 39 -19.93 -14.64 13.88
C ALA A 39 -20.89 -14.47 12.72
N ASN A 40 -21.87 -13.57 12.87
CA ASN A 40 -22.84 -13.30 11.83
C ASN A 40 -22.11 -12.79 10.58
N ASP A 41 -21.12 -11.93 10.74
CA ASP A 41 -20.37 -11.37 9.63
C ASP A 41 -19.59 -12.45 8.88
N ASN A 42 -19.16 -13.51 9.57
CA ASN A 42 -18.44 -14.63 9.00
C ASN A 42 -19.37 -15.77 8.59
N GLY A 43 -20.67 -15.53 8.60
CA GLY A 43 -21.62 -16.54 8.16
C GLY A 43 -21.86 -17.69 9.11
N VAL A 44 -21.39 -17.60 10.36
CA VAL A 44 -21.54 -18.67 11.33
C VAL A 44 -22.96 -18.77 11.87
N ASP A 45 -23.38 -19.98 12.15
CA ASP A 45 -24.71 -20.22 12.74
C ASP A 45 -24.59 -21.39 13.71
N GLY A 46 -24.41 -21.08 15.00
CA GLY A 46 -24.24 -22.13 15.99
C GLY A 46 -24.74 -21.84 17.40
N GLU A 47 -24.45 -22.76 18.30
CA GLU A 47 -24.86 -22.70 19.68
C GLU A 47 -23.80 -22.00 20.55
N TRP A 48 -24.28 -21.06 21.32
CA TRP A 48 -23.36 -20.24 22.14
C TRP A 48 -23.30 -20.72 23.58
N THR A 49 -22.09 -20.93 24.08
CA THR A 49 -21.89 -21.31 25.48
C THR A 49 -20.87 -20.33 26.07
N TYR A 50 -20.76 -20.27 27.39
CA TYR A 50 -19.80 -19.32 27.98
C TYR A 50 -19.15 -19.95 29.22
N ASP A 51 -17.84 -19.83 29.28
CA ASP A 51 -17.03 -20.32 30.38
C ASP A 51 -16.63 -19.12 31.24
N ASP A 52 -17.29 -19.02 32.38
CA ASP A 52 -17.09 -17.96 33.33
C ASP A 52 -15.64 -17.78 33.76
N ALA A 53 -14.96 -18.85 34.16
CA ALA A 53 -13.60 -18.76 34.68
C ALA A 53 -12.58 -18.16 33.71
N THR A 54 -12.67 -18.55 32.44
CA THR A 54 -11.73 -18.03 31.43
C THR A 54 -12.31 -16.91 30.58
N LYS A 55 -13.49 -16.43 30.94
CA LYS A 55 -14.20 -15.37 30.25
C LYS A 55 -14.18 -15.58 28.73
N THR A 56 -14.51 -16.82 28.38
CA THR A 56 -14.46 -17.25 27.00
C THR A 56 -15.82 -17.76 26.55
N PHE A 57 -16.27 -17.22 25.44
CA PHE A 57 -17.49 -17.68 24.78
C PHE A 57 -17.08 -18.71 23.72
N THR A 58 -17.95 -19.66 23.44
CA THR A 58 -17.69 -20.65 22.38
C THR A 58 -18.94 -20.67 21.47
N VAL A 59 -18.75 -20.60 20.16
CA VAL A 59 -19.89 -20.73 19.25
C VAL A 59 -19.62 -21.96 18.40
N THR A 60 -20.50 -22.96 18.54
CA THR A 60 -20.27 -24.23 17.88
C THR A 60 -21.40 -24.55 16.91
N GLU A 61 -20.99 -24.81 15.67
CA GLU A 61 -21.98 -25.19 14.66
C GLU A 61 -22.15 -26.71 14.64
N LYS A 62 -23.39 -27.09 14.39
CA LYS A 62 -23.70 -28.48 14.06
C LYS A 62 -23.11 -28.77 12.66
N ASP B 1 29.51 9.13 9.55
CA ASP B 1 28.66 9.65 8.46
C ASP B 1 27.31 10.18 8.94
N VAL B 2 26.68 10.99 8.09
CA VAL B 2 25.40 11.62 8.36
C VAL B 2 24.30 10.58 8.63
N LYS B 3 23.55 10.81 9.71
CA LYS B 3 22.45 9.92 10.05
C LYS B 3 21.26 10.71 10.59
N LEU B 4 20.05 10.34 10.21
CA LEU B 4 18.82 10.99 10.67
C LEU B 4 17.87 9.87 11.09
N VAL B 5 17.24 9.98 12.25
CA VAL B 5 16.35 8.91 12.71
C VAL B 5 15.03 9.53 13.21
N GLU B 6 13.99 9.28 12.44
CA GLU B 6 12.65 9.77 12.76
C GLU B 6 11.93 8.80 13.71
N SER B 7 11.09 9.33 14.56
CA SER B 7 10.32 8.48 15.48
C SER B 7 9.05 9.23 15.92
N GLY B 8 8.14 8.48 16.55
CA GLY B 8 6.93 9.14 17.06
C GLY B 8 5.66 8.83 16.32
N GLY B 9 5.73 8.32 15.09
CA GLY B 9 4.51 8.08 14.33
C GLY B 9 3.57 7.07 14.98
N GLY B 10 2.27 7.28 14.76
CA GLY B 10 1.30 6.32 15.30
C GLY B 10 -0.07 6.69 14.72
N LEU B 11 -1.07 6.04 15.29
CA LEU B 11 -2.44 6.23 14.89
C LEU B 11 -3.04 7.31 15.77
N VAL B 12 -3.78 8.18 15.13
CA VAL B 12 -4.42 9.33 15.79
C VAL B 12 -5.79 9.51 15.17
N LYS B 13 -6.77 9.89 15.99
CA LYS B 13 -8.13 10.12 15.48
C LYS B 13 -8.14 11.44 14.74
N PRO B 14 -9.02 11.63 13.77
CA PRO B 14 -9.14 12.87 13.04
C PRO B 14 -9.37 14.04 14.00
N GLY B 15 -8.70 15.16 13.77
CA GLY B 15 -8.79 16.35 14.61
C GLY B 15 -7.75 16.33 15.72
N ARG B 16 -7.11 15.17 15.91
CA ARG B 16 -6.14 15.02 16.97
C ARG B 16 -4.74 15.50 16.60
N SER B 17 -3.75 15.22 17.45
CA SER B 17 -2.41 15.78 17.20
C SER B 17 -1.36 14.79 17.67
N LEU B 18 -0.13 15.01 17.24
CA LEU B 18 0.97 14.09 17.49
C LEU B 18 2.28 14.87 17.29
N LYS B 19 3.37 14.46 17.90
CA LYS B 19 4.64 15.12 17.68
C LYS B 19 5.63 14.13 17.09
N LEU B 20 6.31 14.51 16.01
CA LEU B 20 7.34 13.62 15.48
C LEU B 20 8.72 14.19 15.84
N SER B 21 9.71 13.36 15.99
CA SER B 21 11.07 13.81 16.29
C SER B 21 12.00 13.25 15.21
N CYS B 22 13.17 13.85 15.10
CA CYS B 22 14.14 13.39 14.10
C CYS B 22 15.53 13.65 14.69
N ALA B 23 16.22 12.59 15.09
CA ALA B 23 17.53 12.72 15.70
C ALA B 23 18.61 12.77 14.60
N ALA B 24 19.44 13.78 14.71
CA ALA B 24 20.50 13.97 13.72
C ALA B 24 21.86 13.68 14.34
N SER B 25 22.77 13.06 13.59
CA SER B 25 24.12 12.84 14.10
C SER B 25 25.11 12.83 12.93
N GLY B 26 26.37 13.11 13.22
CA GLY B 26 27.40 12.99 12.18
C GLY B 26 27.59 14.23 11.34
N PHE B 27 27.13 15.38 11.81
CA PHE B 27 27.27 16.66 11.12
C PHE B 27 26.95 17.77 12.11
N THR B 28 27.34 19.00 11.80
CA THR B 28 27.00 20.12 12.68
C THR B 28 25.54 20.50 12.37
N PHE B 29 24.63 19.98 13.16
CA PHE B 29 23.20 20.14 12.95
C PHE B 29 22.79 21.59 12.81
N SER B 30 23.30 22.46 13.66
CA SER B 30 22.95 23.87 13.69
C SER B 30 23.32 24.67 12.46
N ASP B 31 24.13 24.16 11.54
CA ASP B 31 24.48 24.84 10.32
C ASP B 31 23.56 24.55 9.15
N TYR B 32 22.59 23.63 9.30
CA TYR B 32 21.79 23.23 8.15
C TYR B 32 20.28 23.47 8.27
N TYR B 33 19.70 23.96 7.16
CA TYR B 33 18.23 24.03 7.09
C TYR B 33 17.79 22.56 7.06
N MET B 34 16.61 22.31 7.62
CA MET B 34 16.08 20.94 7.68
C MET B 34 14.65 20.89 7.13
N PHE B 35 14.22 19.73 6.61
CA PHE B 35 12.88 19.58 6.13
C PHE B 35 12.16 18.36 6.75
N TRP B 36 10.85 18.37 6.56
CA TRP B 36 9.97 17.23 6.76
C TRP B 36 9.33 16.97 5.39
N VAL B 37 9.39 15.74 4.93
CA VAL B 37 8.78 15.38 3.65
C VAL B 37 7.98 14.11 3.91
N ARG B 38 6.75 14.01 3.41
CA ARG B 38 5.98 12.79 3.61
C ARG B 38 5.69 12.10 2.27
N GLN B 39 5.42 10.80 2.38
CA GLN B 39 5.05 9.96 1.25
C GLN B 39 3.74 9.25 1.58
N THR B 40 2.73 9.46 0.77
CA THR B 40 1.40 8.89 0.93
C THR B 40 1.36 7.42 0.59
N PRO B 41 0.30 6.73 0.98
CA PRO B 41 0.07 5.33 0.68
C PRO B 41 0.18 5.01 -0.79
N GLU B 42 -0.21 5.93 -1.67
CA GLU B 42 -0.04 5.76 -3.11
C GLU B 42 1.36 6.14 -3.58
N GLN B 43 2.29 6.42 -2.67
CA GLN B 43 3.69 6.68 -2.87
C GLN B 43 4.10 8.01 -3.44
N ARG B 44 3.28 9.06 -3.37
CA ARG B 44 3.69 10.38 -3.83
C ARG B 44 4.44 11.09 -2.69
N LEU B 45 5.45 11.85 -3.05
CA LEU B 45 6.25 12.58 -2.06
C LEU B 45 5.70 14.00 -1.99
N GLU B 46 5.55 14.54 -0.78
CA GLU B 46 5.06 15.90 -0.60
C GLU B 46 5.88 16.60 0.48
N TRP B 47 6.48 17.72 0.15
CA TRP B 47 7.20 18.52 1.14
C TRP B 47 6.18 19.10 2.14
N VAL B 48 6.46 19.02 3.44
CA VAL B 48 5.53 19.47 4.46
C VAL B 48 6.08 20.58 5.35
N ALA B 49 7.39 20.76 5.44
CA ALA B 49 7.92 21.79 6.31
C ALA B 49 9.41 22.05 6.13
N THR B 50 9.78 23.32 6.29
CA THR B 50 11.16 23.76 6.28
C THR B 50 11.43 24.67 7.47
N ILE B 51 12.63 24.49 8.00
CA ILE B 51 13.11 25.33 9.08
C ILE B 51 14.57 25.75 8.81
N SER B 52 14.81 27.04 9.08
CA SER B 52 16.17 27.57 8.87
C SER B 52 17.11 26.95 9.89
N ASP B 53 18.41 26.97 9.62
CA ASP B 53 19.46 26.49 10.49
C ASP B 53 19.35 26.92 11.94
N GLY B 54 19.17 28.23 12.16
CA GLY B 54 19.04 28.77 13.51
C GLY B 54 17.64 28.63 14.10
N GLY B 55 16.64 28.27 13.32
CA GLY B 55 15.30 28.06 13.84
C GLY B 55 14.35 29.22 13.72
N ALA B 56 14.81 30.44 13.43
CA ALA B 56 13.89 31.57 13.32
C ALA B 56 12.88 31.52 12.18
N TYR B 57 13.21 30.96 11.02
CA TYR B 57 12.35 30.96 9.86
C TYR B 57 11.74 29.62 9.50
N THR B 58 10.41 29.58 9.36
CA THR B 58 9.72 28.31 9.08
C THR B 58 8.79 28.48 7.88
N TYR B 59 8.67 27.45 7.04
CA TYR B 59 7.95 27.47 5.79
C TYR B 59 7.11 26.22 5.65
N TYR B 60 5.90 26.36 5.11
CA TYR B 60 4.93 25.28 4.95
C TYR B 60 4.09 25.48 3.71
N PRO B 61 3.68 24.40 3.05
CA PRO B 61 2.76 24.48 1.92
C PRO B 61 1.36 24.75 2.49
N ASP B 62 0.45 25.20 1.64
CA ASP B 62 -0.92 25.49 2.03
C ASP B 62 -1.68 24.33 2.63
N SER B 63 -1.35 23.11 2.26
CA SER B 63 -2.03 21.94 2.80
C SER B 63 -1.85 21.79 4.31
N VAL B 64 -0.80 22.33 4.89
CA VAL B 64 -0.42 22.14 6.28
C VAL B 64 -0.31 23.39 7.10
N LYS B 65 -0.24 24.54 6.46
CA LYS B 65 -0.10 25.84 7.10
C LYS B 65 -1.11 26.03 8.23
N GLY B 66 -0.66 26.45 9.40
CA GLY B 66 -1.60 26.65 10.51
C GLY B 66 -1.92 25.43 11.36
N ARG B 67 -1.57 24.22 10.93
CA ARG B 67 -1.80 22.99 11.67
C ARG B 67 -0.50 22.33 12.10
N PHE B 68 0.53 22.45 11.24
CA PHE B 68 1.84 21.87 11.56
C PHE B 68 2.83 22.94 12.03
N THR B 69 3.68 22.55 12.95
CA THR B 69 4.75 23.45 13.40
C THR B 69 6.07 22.73 13.37
N ILE B 70 7.03 23.17 12.54
CA ILE B 70 8.34 22.51 12.59
C ILE B 70 9.18 23.25 13.63
N SER B 71 10.02 22.57 14.40
CA SER B 71 10.86 23.24 15.37
C SER B 71 12.17 22.46 15.49
N ARG B 72 13.16 23.04 16.19
CA ARG B 72 14.38 22.25 16.38
C ARG B 72 15.14 22.68 17.61
N ASP B 73 15.85 21.71 18.14
CA ASP B 73 16.68 21.92 19.33
C ASP B 73 18.12 21.74 18.87
N ASN B 74 18.82 22.85 18.64
CA ASN B 74 20.21 22.73 18.19
C ASN B 74 21.19 22.23 19.24
N ALA B 75 20.85 22.24 20.53
CA ALA B 75 21.76 21.69 21.53
C ALA B 75 21.66 20.17 21.52
N LYS B 76 20.46 19.65 21.38
CA LYS B 76 20.23 18.21 21.38
C LYS B 76 20.26 17.54 20.02
N ASN B 77 20.47 18.28 18.95
CA ASN B 77 20.53 17.73 17.59
C ASN B 77 19.23 17.06 17.17
N ASN B 78 18.12 17.67 17.56
CA ASN B 78 16.80 17.16 17.28
C ASN B 78 16.00 18.14 16.44
N LEU B 79 15.29 17.54 15.48
CA LEU B 79 14.36 18.27 14.64
C LEU B 79 12.95 17.77 15.00
N TYR B 80 11.94 18.62 15.04
CA TYR B 80 10.61 18.21 15.46
C TYR B 80 9.51 18.64 14.51
N LEU B 81 8.38 17.94 14.61
CA LEU B 81 7.21 18.31 13.86
C LEU B 81 5.95 18.04 14.69
N GLN B 82 5.34 19.13 15.11
CA GLN B 82 4.08 19.05 15.87
C GLN B 82 2.96 19.12 14.84
N MET B 83 2.08 18.16 14.81
CA MET B 83 0.98 18.09 13.85
C MET B 83 -0.36 18.29 14.56
N ASN B 84 -1.11 19.35 14.28
CA ASN B 84 -2.39 19.50 14.99
C ASN B 84 -3.54 19.29 14.02
N SER B 85 -4.79 19.16 14.47
CA SER B 85 -5.95 19.03 13.62
C SER B 85 -5.72 18.07 12.45
N LEU B 86 -5.31 16.86 12.79
CA LEU B 86 -4.92 15.88 11.77
C LEU B 86 -6.09 15.42 10.93
N LYS B 87 -5.86 15.18 9.65
CA LYS B 87 -6.91 14.77 8.72
C LYS B 87 -6.54 13.42 8.12
N SER B 88 -7.49 12.68 7.55
CA SER B 88 -7.09 11.39 6.95
C SER B 88 -6.05 11.58 5.85
N GLU B 89 -6.04 12.67 5.10
CA GLU B 89 -5.04 12.92 4.07
C GLU B 89 -3.63 13.14 4.59
N ASP B 90 -3.45 13.28 5.92
CA ASP B 90 -2.12 13.38 6.49
C ASP B 90 -1.53 11.99 6.72
N THR B 91 -2.25 10.90 6.44
CA THR B 91 -1.80 9.54 6.65
C THR B 91 -0.59 9.32 5.72
N GLY B 92 0.53 8.83 6.23
CA GLY B 92 1.69 8.70 5.33
C GLY B 92 2.98 8.45 6.11
N MET B 93 4.05 8.16 5.36
CA MET B 93 5.37 8.00 6.00
C MET B 93 5.99 9.39 6.12
N TYR B 94 6.56 9.75 7.26
CA TYR B 94 7.16 11.08 7.43
C TYR B 94 8.67 10.92 7.50
N TYR B 95 9.34 11.67 6.64
CA TYR B 95 10.79 11.67 6.66
C TYR B 95 11.34 13.03 7.04
N CYS B 96 12.48 13.04 7.74
CA CYS B 96 13.15 14.34 7.88
C CYS B 96 14.29 14.31 6.85
N ALA B 97 14.69 15.48 6.36
CA ALA B 97 15.79 15.49 5.39
C ALA B 97 16.60 16.76 5.61
N ARG B 98 17.83 16.73 5.11
CA ARG B 98 18.74 17.85 5.29
C ARG B 98 18.95 18.69 4.05
N ASP B 99 19.12 19.99 4.26
CA ASP B 99 19.48 20.88 3.15
C ASP B 99 20.99 21.01 3.08
N PRO B 100 21.60 20.70 1.94
CA PRO B 100 23.03 20.86 1.77
C PRO B 100 23.42 22.32 1.83
N LEU B 101 24.70 22.61 2.12
CA LEU B 101 25.08 24.01 2.24
C LEU B 101 25.17 24.80 0.96
N GLU B 102 25.63 24.21 -0.14
CA GLU B 102 25.89 24.99 -1.34
C GLU B 102 24.87 24.97 -2.45
N TYR B 103 23.72 24.34 -2.24
CA TYR B 103 22.67 24.33 -3.26
C TYR B 103 21.36 24.05 -2.53
N TYR B 104 20.23 24.45 -3.08
CA TYR B 104 18.93 24.14 -2.46
C TYR B 104 18.66 22.69 -2.82
N GLY B 105 18.47 21.80 -1.86
CA GLY B 105 18.22 20.40 -2.18
C GLY B 105 17.97 19.63 -0.91
N MET B 106 18.01 18.30 -0.98
CA MET B 106 17.78 17.40 0.14
C MET B 106 18.83 16.28 -0.01
N ASP B 107 19.93 16.30 0.75
CA ASP B 107 20.97 15.30 0.51
C ASP B 107 20.76 14.03 1.29
N TYR B 108 20.48 14.10 2.58
CA TYR B 108 20.30 12.92 3.40
C TYR B 108 18.89 12.86 4.01
N TRP B 109 18.31 11.68 3.98
CA TRP B 109 16.95 11.47 4.50
C TRP B 109 16.99 10.38 5.57
N GLY B 110 16.02 10.31 6.49
CA GLY B 110 16.02 9.28 7.51
C GLY B 110 15.31 8.04 6.97
N GLN B 111 15.04 7.08 7.84
CA GLN B 111 14.33 5.87 7.45
C GLN B 111 12.82 6.01 7.61
N GLY B 112 12.36 7.07 8.24
CA GLY B 112 10.96 7.43 8.32
C GLY B 112 10.17 6.96 9.53
N THR B 113 8.98 7.55 9.70
CA THR B 113 8.08 7.19 10.79
C THR B 113 6.65 7.31 10.27
N SER B 114 5.82 6.25 10.44
CA SER B 114 4.52 6.26 9.80
C SER B 114 3.44 6.86 10.69
N VAL B 115 2.60 7.66 10.05
CA VAL B 115 1.45 8.28 10.71
C VAL B 115 0.18 7.82 10.01
N ALA B 116 -0.84 7.49 10.76
CA ALA B 116 -2.13 7.08 10.23
C ALA B 116 -3.19 7.88 11.00
N VAL B 117 -4.11 8.48 10.28
CA VAL B 117 -5.19 9.26 10.93
C VAL B 117 -6.49 8.54 10.53
N SER B 118 -7.25 8.06 11.49
CA SER B 118 -8.47 7.33 11.21
C SER B 118 -9.35 7.31 12.47
N SER B 119 -10.66 7.23 12.24
CA SER B 119 -11.60 7.16 13.37
C SER B 119 -12.02 5.73 13.59
N ALA B 120 -11.46 4.76 12.88
CA ALA B 120 -11.87 3.36 13.05
C ALA B 120 -11.41 2.74 14.38
N LYS B 121 -12.13 1.72 14.83
CA LYS B 121 -11.88 1.02 16.07
C LYS B 121 -11.30 -0.36 15.74
N THR B 122 -10.64 -1.02 16.68
CA THR B 122 -10.04 -2.31 16.34
C THR B 122 -11.16 -3.29 16.01
N THR B 123 -11.00 -3.90 14.84
CA THR B 123 -12.04 -4.81 14.32
C THR B 123 -11.41 -6.04 13.72
N ALA B 124 -11.85 -7.22 14.09
CA ALA B 124 -11.32 -8.47 13.55
C ALA B 124 -11.90 -8.64 12.15
N PRO B 125 -11.14 -9.24 11.25
CA PRO B 125 -11.61 -9.45 9.89
C PRO B 125 -12.67 -10.52 9.74
N SER B 126 -13.51 -10.39 8.71
CA SER B 126 -14.36 -11.48 8.26
C SER B 126 -13.54 -12.30 7.26
N VAL B 127 -13.56 -13.62 7.24
CA VAL B 127 -12.77 -14.44 6.33
C VAL B 127 -13.73 -15.27 5.48
N TYR B 128 -13.88 -14.87 4.22
CA TYR B 128 -14.77 -15.56 3.28
C TYR B 128 -13.96 -16.43 2.32
N PRO B 129 -14.50 -17.58 2.00
CA PRO B 129 -13.86 -18.50 1.07
C PRO B 129 -14.18 -18.10 -0.35
N LEU B 130 -13.20 -18.23 -1.22
CA LEU B 130 -13.37 -17.99 -2.65
C LEU B 130 -13.13 -19.33 -3.35
N ALA B 131 -14.23 -20.05 -3.51
CA ALA B 131 -14.16 -21.34 -4.18
C ALA B 131 -14.57 -21.07 -5.62
N PRO B 132 -14.07 -21.89 -6.54
CA PRO B 132 -14.40 -21.74 -7.93
C PRO B 132 -15.89 -21.83 -8.18
N VAL B 133 -16.27 -21.15 -9.26
CA VAL B 133 -17.62 -21.31 -9.79
C VAL B 133 -17.88 -22.79 -9.95
N CYS B 134 -19.05 -23.29 -9.56
CA CYS B 134 -19.29 -24.73 -9.60
C CYS B 134 -19.37 -25.27 -11.03
N GLY B 135 -19.30 -26.60 -11.12
CA GLY B 135 -19.43 -27.37 -12.32
C GLY B 135 -18.26 -27.51 -13.26
N ASP B 136 -17.03 -27.31 -12.79
CA ASP B 136 -15.91 -27.40 -13.74
C ASP B 136 -15.41 -28.83 -13.86
N THR B 137 -15.66 -29.42 -15.02
CA THR B 137 -15.24 -30.79 -15.30
C THR B 137 -14.08 -30.83 -16.29
N THR B 138 -13.38 -29.73 -16.56
CA THR B 138 -12.26 -29.71 -17.49
C THR B 138 -11.05 -30.56 -17.08
N GLY B 139 -10.81 -30.53 -15.79
CA GLY B 139 -9.67 -31.20 -15.17
C GLY B 139 -8.46 -30.26 -15.22
N SER B 140 -8.66 -28.97 -15.46
CA SER B 140 -7.52 -28.04 -15.51
C SER B 140 -7.19 -27.57 -14.11
N SER B 141 -6.12 -26.81 -13.90
CA SER B 141 -5.77 -26.43 -12.53
C SER B 141 -6.82 -25.51 -11.92
N VAL B 142 -7.03 -25.63 -10.61
CA VAL B 142 -8.01 -24.77 -9.94
C VAL B 142 -7.38 -23.62 -9.16
N THR B 143 -8.01 -22.44 -9.20
CA THR B 143 -7.56 -21.32 -8.40
C THR B 143 -8.57 -21.03 -7.30
N LEU B 144 -8.11 -21.07 -6.05
CA LEU B 144 -8.92 -20.81 -4.88
C LEU B 144 -8.43 -19.53 -4.20
N GLY B 145 -9.21 -19.05 -3.25
CA GLY B 145 -8.77 -17.87 -2.52
C GLY B 145 -9.45 -17.67 -1.17
N CYS B 146 -8.96 -16.68 -0.43
CA CYS B 146 -9.53 -16.23 0.82
C CYS B 146 -9.66 -14.71 0.77
N LEU B 147 -10.82 -14.20 1.15
CA LEU B 147 -11.13 -12.78 1.17
C LEU B 147 -11.18 -12.35 2.65
N VAL B 148 -10.24 -11.51 3.04
CA VAL B 148 -10.14 -11.12 4.45
C VAL B 148 -10.62 -9.70 4.54
N LYS B 149 -11.86 -9.51 4.99
CA LYS B 149 -12.46 -8.19 4.88
C LYS B 149 -12.83 -7.50 6.18
N GLY B 150 -12.61 -6.19 6.19
CA GLY B 150 -13.05 -5.35 7.29
C GLY B 150 -12.25 -5.45 8.58
N TYR B 151 -10.91 -5.38 8.49
CA TYR B 151 -10.15 -5.38 9.74
C TYR B 151 -9.47 -4.03 9.96
N PHE B 152 -9.05 -3.81 11.21
CA PHE B 152 -8.35 -2.58 11.58
C PHE B 152 -7.77 -2.79 12.97
N PRO B 153 -6.57 -2.28 13.18
CA PRO B 153 -5.73 -1.66 12.19
C PRO B 153 -4.95 -2.73 11.43
N GLU B 154 -4.03 -2.32 10.57
CA GLU B 154 -3.14 -3.29 9.93
C GLU B 154 -2.15 -3.76 10.98
N PRO B 155 -1.54 -4.91 10.72
CA PRO B 155 -1.79 -5.70 9.51
C PRO B 155 -2.48 -7.02 9.79
N VAL B 156 -2.55 -7.91 8.80
CA VAL B 156 -3.00 -9.27 8.95
C VAL B 156 -1.88 -10.12 8.29
N THR B 157 -1.90 -11.38 8.59
CA THR B 157 -0.96 -12.37 8.08
C THR B 157 -1.76 -13.48 7.48
N VAL B 158 -1.41 -14.09 6.37
CA VAL B 158 -2.19 -15.16 5.77
C VAL B 158 -1.24 -16.23 5.22
N THR B 159 -1.55 -17.47 5.56
CA THR B 159 -0.80 -18.61 5.06
C THR B 159 -1.81 -19.64 4.52
N TRP B 160 -1.32 -20.63 3.80
CA TRP B 160 -2.17 -21.68 3.25
C TRP B 160 -1.68 -23.03 3.77
N ASN B 161 -2.58 -23.81 4.34
CA ASN B 161 -2.22 -25.12 4.89
C ASN B 161 -1.04 -24.98 5.85
N SER B 162 -1.16 -24.00 6.75
CA SER B 162 -0.19 -23.67 7.76
C SER B 162 1.21 -23.39 7.20
N GLY B 163 1.27 -22.88 5.98
CA GLY B 163 2.55 -22.61 5.36
C GLY B 163 3.08 -23.72 4.48
N SER B 164 2.50 -24.93 4.46
CA SER B 164 3.03 -25.99 3.62
C SER B 164 2.63 -25.84 2.15
N LEU B 165 1.65 -24.99 1.89
CA LEU B 165 1.21 -24.67 0.53
C LEU B 165 1.77 -23.28 0.25
N SER B 166 3.00 -23.22 -0.29
CA SER B 166 3.61 -21.92 -0.51
C SER B 166 3.79 -21.57 -1.98
N SER B 167 3.89 -22.57 -2.86
CA SER B 167 4.06 -22.22 -4.28
C SER B 167 2.73 -21.82 -4.90
N GLY B 168 2.75 -21.00 -5.94
CA GLY B 168 1.51 -20.63 -6.64
C GLY B 168 0.49 -19.91 -5.77
N VAL B 169 0.96 -19.08 -4.87
CA VAL B 169 0.14 -18.29 -3.97
C VAL B 169 0.35 -16.81 -4.32
N HIS B 170 -0.73 -16.03 -4.31
CA HIS B 170 -0.54 -14.58 -4.49
C HIS B 170 -1.35 -13.90 -3.38
N THR B 171 -0.68 -13.21 -2.48
CA THR B 171 -1.34 -12.50 -1.40
C THR B 171 -1.23 -11.03 -1.77
N PHE B 172 -2.34 -10.38 -2.04
CA PHE B 172 -2.31 -8.99 -2.49
C PHE B 172 -2.28 -8.01 -1.33
N PRO B 173 -1.70 -6.86 -1.56
CA PRO B 173 -1.64 -5.80 -0.57
C PRO B 173 -3.04 -5.36 -0.17
N ALA B 174 -3.14 -4.95 1.09
CA ALA B 174 -4.40 -4.50 1.68
C ALA B 174 -4.85 -3.20 1.06
N VAL B 175 -6.16 -3.00 0.92
CA VAL B 175 -6.70 -1.74 0.43
C VAL B 175 -7.70 -1.22 1.47
N LEU B 176 -7.82 0.10 1.55
CA LEU B 176 -8.79 0.68 2.49
C LEU B 176 -10.15 0.59 1.82
N GLN B 177 -11.15 0.05 2.51
CA GLN B 177 -12.43 -0.12 1.80
C GLN B 177 -13.58 0.62 2.45
N SER B 178 -13.99 0.25 3.65
CA SER B 178 -15.14 0.99 4.24
C SER B 178 -14.57 1.61 5.51
N ASP B 179 -13.46 2.34 5.36
CA ASP B 179 -12.71 2.90 6.48
C ASP B 179 -12.01 1.80 7.28
N LEU B 180 -11.94 0.59 6.73
CA LEU B 180 -11.34 -0.60 7.26
C LEU B 180 -10.45 -1.20 6.15
N TYR B 181 -9.72 -2.26 6.46
CA TYR B 181 -8.84 -2.87 5.48
C TYR B 181 -9.37 -4.20 4.96
N THR B 182 -8.97 -4.45 3.71
CA THR B 182 -9.30 -5.68 3.01
C THR B 182 -8.12 -6.17 2.17
N LEU B 183 -7.95 -7.48 2.23
CA LEU B 183 -6.96 -8.10 1.37
C LEU B 183 -7.50 -9.45 0.91
N SER B 184 -6.79 -9.98 -0.11
CA SER B 184 -7.16 -11.31 -0.55
C SER B 184 -5.89 -12.11 -0.90
N SER B 185 -6.09 -13.42 -0.98
CA SER B 185 -4.97 -14.27 -1.40
C SER B 185 -5.51 -15.35 -2.34
N SER B 186 -4.71 -15.75 -3.34
CA SER B 186 -5.14 -16.83 -4.22
C SER B 186 -4.07 -17.93 -4.13
N VAL B 187 -4.46 -19.14 -4.42
CA VAL B 187 -3.60 -20.31 -4.42
C VAL B 187 -4.05 -21.18 -5.59
N ASN B 188 -3.10 -21.67 -6.39
CA ASN B 188 -3.50 -22.46 -7.55
C ASN B 188 -2.91 -23.86 -7.44
N VAL B 189 -3.75 -24.88 -7.62
CA VAL B 189 -3.31 -26.27 -7.49
C VAL B 189 -3.96 -27.10 -8.60
N THR B 190 -3.40 -28.27 -8.87
CA THR B 190 -3.96 -29.15 -9.90
C THR B 190 -5.33 -29.60 -9.44
N SER B 191 -6.11 -30.06 -10.41
CA SER B 191 -7.47 -30.50 -10.06
C SER B 191 -7.48 -31.83 -9.35
N SER B 192 -6.41 -32.62 -9.39
CA SER B 192 -6.30 -33.85 -8.63
C SER B 192 -5.96 -33.56 -7.17
N THR B 193 -5.55 -32.34 -6.86
CA THR B 193 -5.21 -31.90 -5.51
C THR B 193 -6.41 -31.44 -4.70
N TRP B 194 -7.29 -30.61 -5.28
CA TRP B 194 -8.46 -30.13 -4.52
C TRP B 194 -9.68 -30.42 -5.35
N PRO B 195 -10.80 -30.80 -4.73
CA PRO B 195 -10.97 -30.86 -3.31
C PRO B 195 -10.67 -32.17 -2.61
N SER B 196 -9.97 -33.11 -3.23
CA SER B 196 -9.67 -34.37 -2.57
C SER B 196 -8.85 -34.14 -1.31
N GLN B 197 -7.91 -33.21 -1.37
CA GLN B 197 -7.07 -32.80 -0.26
C GLN B 197 -7.69 -31.48 0.25
N SER B 198 -7.72 -31.22 1.53
CA SER B 198 -8.28 -29.97 2.04
C SER B 198 -7.34 -28.79 1.81
N ILE B 199 -7.93 -27.61 1.58
CA ILE B 199 -7.14 -26.39 1.41
C ILE B 199 -7.71 -25.36 2.39
N THR B 200 -6.86 -24.82 3.25
CA THR B 200 -7.33 -23.90 4.29
C THR B 200 -6.48 -22.65 4.33
N CYS B 201 -7.08 -21.46 4.49
CA CYS B 201 -6.29 -20.26 4.62
C CYS B 201 -6.21 -20.01 6.15
N ASN B 202 -5.01 -19.69 6.62
CA ASN B 202 -4.78 -19.43 8.03
C ASN B 202 -4.62 -17.94 8.21
N VAL B 203 -5.57 -17.31 8.90
CA VAL B 203 -5.52 -15.85 8.97
C VAL B 203 -5.23 -15.34 10.39
N ALA B 204 -4.34 -14.35 10.50
CA ALA B 204 -4.07 -13.74 11.80
C ALA B 204 -4.19 -12.22 11.77
N HIS B 205 -4.85 -11.69 12.82
CA HIS B 205 -4.95 -10.23 12.97
C HIS B 205 -4.49 -9.91 14.40
N PRO B 206 -3.20 -9.63 14.56
CA PRO B 206 -2.61 -9.46 15.89
C PRO B 206 -3.36 -8.50 16.78
N ALA B 207 -3.81 -7.34 16.29
CA ALA B 207 -4.48 -6.34 17.08
C ALA B 207 -5.76 -6.81 17.75
N SER B 208 -6.50 -7.75 17.14
CA SER B 208 -7.72 -8.24 17.77
C SER B 208 -7.49 -9.60 18.41
N SER B 209 -6.22 -10.07 18.33
CA SER B 209 -5.83 -11.41 18.75
C SER B 209 -6.64 -12.47 18.02
N THR B 210 -6.91 -12.24 16.73
CA THR B 210 -7.61 -13.24 15.93
C THR B 210 -6.64 -14.19 15.25
N LYS B 211 -6.96 -15.47 15.31
CA LYS B 211 -6.23 -16.56 14.66
C LYS B 211 -7.28 -17.55 14.16
N VAL B 212 -7.60 -17.51 12.86
CA VAL B 212 -8.66 -18.37 12.34
C VAL B 212 -8.22 -19.09 11.06
N ASP B 213 -8.76 -20.27 10.85
CA ASP B 213 -8.55 -21.11 9.70
C ASP B 213 -9.88 -21.25 8.96
N LYS B 214 -9.84 -21.11 7.65
CA LYS B 214 -11.08 -21.23 6.88
C LYS B 214 -10.85 -22.27 5.79
N LYS B 215 -11.48 -23.41 5.93
CA LYS B 215 -11.36 -24.50 4.98
C LYS B 215 -12.21 -24.13 3.75
N ILE B 216 -11.61 -24.35 2.58
CA ILE B 216 -12.31 -23.97 1.37
C ILE B 216 -12.98 -25.18 0.75
N VAL B 217 -14.31 -25.15 0.80
CA VAL B 217 -15.06 -26.26 0.21
C VAL B 217 -15.66 -25.85 -1.13
N PRO B 218 -15.91 -26.84 -1.98
CA PRO B 218 -16.47 -26.57 -3.29
C PRO B 218 -17.86 -25.98 -3.20
N ARG B 219 -18.25 -25.31 -4.28
CA ARG B 219 -19.62 -24.80 -4.39
C ARG B 219 -20.46 -25.97 -4.96
N ASN C 1 4.15 24.93 -6.63
CA ASN C 1 3.05 24.71 -7.60
C ASN C 1 3.74 24.41 -8.94
N ILE C 2 5.06 24.14 -8.79
CA ILE C 2 5.77 23.71 -10.01
C ILE C 2 5.54 22.20 -10.07
N VAL C 3 4.85 21.81 -11.14
CA VAL C 3 4.49 20.42 -11.37
C VAL C 3 5.66 19.71 -12.06
N MET C 4 5.92 18.53 -11.51
CA MET C 4 7.03 17.69 -12.01
C MET C 4 6.43 16.42 -12.57
N THR C 5 6.66 16.09 -13.84
CA THR C 5 6.05 14.91 -14.45
C THR C 5 7.06 13.91 -14.97
N GLN C 6 6.94 12.64 -14.60
CA GLN C 6 7.95 11.69 -15.08
C GLN C 6 7.50 10.73 -16.17
N THR C 7 8.38 10.56 -17.17
CA THR C 7 8.21 9.68 -18.30
C THR C 7 9.45 8.78 -18.43
N PRO C 8 9.24 7.49 -18.54
CA PRO C 8 7.93 6.87 -18.50
C PRO C 8 7.48 6.57 -17.09
N LEU C 9 6.32 5.95 -16.94
CA LEU C 9 5.81 5.57 -15.63
C LEU C 9 6.64 4.41 -15.09
N SER C 10 6.93 3.49 -16.00
CA SER C 10 7.72 2.32 -15.68
C SER C 10 8.68 2.03 -16.84
N LEU C 11 9.89 1.64 -16.51
CA LEU C 11 10.87 1.32 -17.55
C LEU C 11 11.55 0.00 -17.23
N PRO C 12 11.09 -1.05 -17.92
CA PRO C 12 11.62 -2.39 -17.76
C PRO C 12 12.97 -2.46 -18.47
N VAL C 13 13.94 -3.15 -17.89
CA VAL C 13 15.25 -3.24 -18.50
C VAL C 13 15.83 -4.63 -18.21
N SER C 14 16.83 -5.00 -19.02
CA SER C 14 17.57 -6.22 -18.81
C SER C 14 18.91 -5.80 -18.17
N LEU C 15 19.50 -6.66 -17.35
CA LEU C 15 20.82 -6.26 -16.83
C LEU C 15 21.78 -5.95 -17.96
N GLY C 16 22.50 -4.84 -17.89
CA GLY C 16 23.47 -4.50 -18.92
C GLY C 16 22.95 -3.49 -19.93
N ASP C 17 21.65 -3.26 -19.88
CA ASP C 17 21.03 -2.31 -20.79
C ASP C 17 21.32 -0.86 -20.43
N GLN C 18 21.09 0.04 -21.38
CA GLN C 18 21.19 1.48 -21.15
C GLN C 18 19.81 1.88 -20.57
N ALA C 19 19.72 2.94 -19.79
CA ALA C 19 18.40 3.32 -19.25
C ALA C 19 18.28 4.83 -19.26
N SER C 20 17.10 5.32 -19.69
CA SER C 20 16.88 6.74 -19.77
C SER C 20 15.50 7.07 -19.17
N ILE C 21 15.46 8.10 -18.35
CA ILE C 21 14.23 8.54 -17.69
C ILE C 21 14.18 10.06 -17.84
N SER C 22 12.99 10.58 -18.10
CA SER C 22 12.81 11.99 -18.33
C SER C 22 11.99 12.62 -17.20
N CYS C 23 12.20 13.91 -17.03
CA CYS C 23 11.49 14.69 -16.03
C CYS C 23 11.23 16.10 -16.54
N ARG C 24 9.94 16.43 -16.63
CA ARG C 24 9.50 17.70 -17.21
C ARG C 24 8.91 18.60 -16.13
N SER C 25 9.33 19.83 -16.04
CA SER C 25 8.81 20.76 -15.02
C SER C 25 7.82 21.71 -15.69
N SER C 26 6.82 22.20 -14.98
CA SER C 26 5.82 23.08 -15.58
C SER C 26 6.39 24.43 -15.95
N GLN C 27 7.40 24.94 -15.23
CA GLN C 27 8.05 26.20 -15.54
C GLN C 27 9.58 26.04 -15.43
N SER C 28 10.33 26.99 -15.95
CA SER C 28 11.78 26.94 -15.90
C SER C 28 12.27 26.65 -14.49
N LEU C 29 13.38 25.92 -14.39
CA LEU C 29 13.99 25.55 -13.14
C LEU C 29 15.22 26.39 -12.87
N VAL C 30 15.52 27.32 -13.80
CA VAL C 30 16.64 28.22 -13.59
C VAL C 30 16.34 29.20 -12.46
N HIS C 31 17.11 29.23 -11.40
CA HIS C 31 16.94 30.17 -10.30
C HIS C 31 17.42 31.56 -10.68
N SER C 32 17.02 32.58 -9.94
CA SER C 32 17.47 33.94 -10.18
C SER C 32 18.98 34.04 -10.16
N ASN C 33 19.67 33.21 -9.36
CA ASN C 33 21.11 33.17 -9.29
C ASN C 33 21.77 32.43 -10.46
N GLY C 34 21.02 31.93 -11.42
CA GLY C 34 21.51 31.25 -12.58
C GLY C 34 21.57 29.73 -12.56
N ASN C 35 21.53 29.17 -11.36
CA ASN C 35 21.62 27.72 -11.19
C ASN C 35 20.27 27.04 -11.32
N THR C 36 20.31 25.76 -11.70
CA THR C 36 19.10 24.97 -11.88
C THR C 36 19.03 23.89 -10.81
N TYR C 37 18.11 24.05 -9.86
CA TYR C 37 18.07 23.07 -8.76
C TYR C 37 17.12 21.93 -9.08
N LEU C 38 17.61 21.03 -9.93
CA LEU C 38 16.87 19.86 -10.36
C LEU C 38 17.64 18.61 -9.94
N HIS C 39 17.03 17.78 -9.11
CA HIS C 39 17.70 16.58 -8.57
C HIS C 39 17.01 15.27 -8.87
N TRP C 40 17.78 14.19 -8.77
CA TRP C 40 17.30 12.82 -8.92
C TRP C 40 17.62 11.98 -7.68
N TYR C 41 16.69 11.13 -7.30
CA TYR C 41 16.76 10.27 -6.13
C TYR C 41 16.31 8.86 -6.48
N LEU C 42 16.86 7.87 -5.81
CA LEU C 42 16.47 6.49 -6.00
C LEU C 42 15.89 5.99 -4.67
N GLN C 43 14.74 5.34 -4.71
CA GLN C 43 14.17 4.75 -3.51
C GLN C 43 13.89 3.28 -3.71
N LYS C 44 14.45 2.44 -2.87
CA LYS C 44 14.25 0.99 -2.84
C LYS C 44 13.15 0.68 -1.84
N PRO C 45 12.46 -0.44 -1.96
CA PRO C 45 11.35 -0.79 -1.09
C PRO C 45 11.70 -0.89 0.37
N GLY C 46 10.99 -0.17 1.22
CA GLY C 46 11.26 -0.14 2.66
C GLY C 46 12.31 0.89 3.06
N GLN C 47 12.98 1.53 2.11
CA GLN C 47 13.99 2.53 2.34
C GLN C 47 13.51 3.91 1.89
N SER C 48 14.19 4.95 2.36
CA SER C 48 13.89 6.31 1.97
C SER C 48 14.68 6.63 0.69
N PRO C 49 14.28 7.69 0.03
CA PRO C 49 14.94 8.18 -1.16
C PRO C 49 16.39 8.51 -0.82
N LYS C 50 17.31 8.24 -1.72
CA LYS C 50 18.73 8.55 -1.60
C LYS C 50 19.12 9.43 -2.80
N LEU C 51 19.88 10.47 -2.57
CA LEU C 51 20.31 11.39 -3.59
C LEU C 51 21.34 10.77 -4.54
N LEU C 52 21.06 10.88 -5.83
CA LEU C 52 21.89 10.36 -6.89
C LEU C 52 22.61 11.47 -7.64
N ILE C 53 21.82 12.36 -8.23
CA ILE C 53 22.33 13.44 -9.07
C ILE C 53 21.80 14.75 -8.52
N TYR C 54 22.64 15.74 -8.30
CA TYR C 54 22.11 17.02 -7.82
C TYR C 54 22.46 18.10 -8.83
N THR C 55 21.64 19.14 -8.86
CA THR C 55 21.77 20.29 -9.73
C THR C 55 22.10 19.88 -11.16
N VAL C 56 21.18 19.11 -11.73
CA VAL C 56 21.11 18.56 -13.05
C VAL C 56 22.09 17.44 -13.40
N SER C 57 23.38 17.64 -13.16
CA SER C 57 24.36 16.62 -13.58
C SER C 57 25.44 16.26 -12.60
N ASN C 58 25.36 16.77 -11.37
CA ASN C 58 26.39 16.49 -10.38
C ASN C 58 26.15 15.17 -9.67
N ARG C 59 27.10 14.23 -9.76
CA ARG C 59 26.94 12.98 -9.02
C ARG C 59 27.14 13.17 -7.53
N PHE C 60 26.23 12.72 -6.67
CA PHE C 60 26.35 12.83 -5.23
C PHE C 60 27.44 11.86 -4.73
N SER C 61 27.97 12.12 -3.55
CA SER C 61 28.98 11.24 -2.99
C SER C 61 28.58 9.77 -3.04
N GLY C 62 29.51 8.93 -3.50
CA GLY C 62 29.34 7.50 -3.59
C GLY C 62 28.64 6.96 -4.82
N VAL C 63 27.93 7.78 -5.57
CA VAL C 63 27.20 7.35 -6.76
C VAL C 63 28.17 6.97 -7.87
N PRO C 64 28.03 5.78 -8.42
CA PRO C 64 28.85 5.32 -9.52
C PRO C 64 28.73 6.23 -10.74
N ASP C 65 29.76 6.22 -11.58
CA ASP C 65 29.77 7.05 -12.79
C ASP C 65 28.92 6.45 -13.90
N ARG C 66 28.26 5.31 -13.67
CA ARG C 66 27.25 4.78 -14.58
C ARG C 66 26.04 5.71 -14.64
N PHE C 67 25.78 6.48 -13.57
CA PHE C 67 24.69 7.44 -13.53
C PHE C 67 25.09 8.79 -14.09
N SER C 68 24.27 9.39 -14.97
CA SER C 68 24.55 10.74 -15.39
C SER C 68 23.24 11.53 -15.52
N GLY C 69 23.34 12.85 -15.41
CA GLY C 69 22.14 13.65 -15.63
C GLY C 69 22.45 14.81 -16.58
N SER C 70 21.39 15.31 -17.20
CA SER C 70 21.45 16.46 -18.08
C SER C 70 20.03 16.96 -18.35
N GLY C 71 19.99 18.04 -19.12
CA GLY C 71 18.67 18.57 -19.54
C GLY C 71 18.78 20.08 -19.34
N SER C 72 17.74 20.83 -19.65
CA SER C 72 17.83 22.27 -19.43
C SER C 72 16.44 22.91 -19.42
N GLY C 73 16.30 24.03 -18.73
CA GLY C 73 15.03 24.75 -18.66
C GLY C 73 14.01 23.98 -17.83
N THR C 74 13.19 23.21 -18.53
CA THR C 74 12.15 22.36 -18.05
C THR C 74 12.23 20.91 -18.50
N ASP C 75 13.26 20.43 -19.21
CA ASP C 75 13.24 19.04 -19.66
C ASP C 75 14.56 18.33 -19.30
N PHE C 76 14.48 17.28 -18.49
CA PHE C 76 15.71 16.71 -17.93
C PHE C 76 15.67 15.20 -18.01
N THR C 77 16.83 14.55 -18.05
CA THR C 77 16.86 13.09 -18.12
C THR C 77 18.04 12.55 -17.30
N LEU C 78 17.76 11.41 -16.71
CA LEU C 78 18.71 10.64 -15.94
C LEU C 78 19.09 9.44 -16.81
N LYS C 79 20.39 9.20 -16.93
CA LYS C 79 20.79 8.04 -17.73
C LYS C 79 21.57 7.05 -16.88
N ILE C 80 21.40 5.78 -17.18
CA ILE C 80 22.19 4.71 -16.58
C ILE C 80 22.92 4.03 -17.74
N SER C 81 24.23 4.18 -17.85
CA SER C 81 25.01 3.62 -18.94
C SER C 81 24.83 2.12 -19.03
N ARG C 82 24.81 1.46 -17.87
CA ARG C 82 24.67 0.01 -17.83
C ARG C 82 23.95 -0.37 -16.54
N VAL C 83 22.73 -0.88 -16.63
CA VAL C 83 21.95 -1.26 -15.46
C VAL C 83 22.37 -2.53 -14.74
N GLU C 84 22.47 -2.39 -13.42
CA GLU C 84 22.75 -3.47 -12.48
C GLU C 84 21.54 -3.72 -11.61
N ALA C 85 21.46 -4.88 -10.96
CA ALA C 85 20.32 -5.20 -10.11
C ALA C 85 20.16 -4.20 -8.95
N GLU C 86 21.24 -3.70 -8.38
CA GLU C 86 21.12 -2.70 -7.32
C GLU C 86 20.56 -1.36 -7.77
N ASP C 87 20.40 -1.08 -9.06
CA ASP C 87 19.84 0.13 -9.58
C ASP C 87 18.30 0.10 -9.59
N LEU C 88 17.74 -1.08 -9.38
CA LEU C 88 16.30 -1.26 -9.50
C LEU C 88 15.58 -0.65 -8.29
N GLY C 89 14.50 0.06 -8.63
CA GLY C 89 13.68 0.73 -7.62
C GLY C 89 12.95 1.86 -8.36
N VAL C 90 12.51 2.85 -7.61
CA VAL C 90 11.84 3.98 -8.20
C VAL C 90 12.75 5.22 -8.14
N TYR C 91 12.89 5.84 -9.29
CA TYR C 91 13.63 7.07 -9.44
C TYR C 91 12.64 8.24 -9.40
N PHE C 92 13.02 9.22 -8.61
CA PHE C 92 12.22 10.44 -8.49
C PHE C 92 13.05 11.65 -8.90
N CYS C 93 12.52 12.61 -9.62
CA CYS C 93 13.15 13.90 -9.82
C CYS C 93 12.45 14.87 -8.83
N SER C 94 13.13 15.96 -8.48
CA SER C 94 12.49 16.96 -7.64
C SER C 94 13.08 18.30 -8.03
N GLN C 95 12.43 19.41 -7.69
CA GLN C 95 13.03 20.72 -7.96
C GLN C 95 13.08 21.50 -6.66
N SER C 96 14.17 22.23 -6.41
CA SER C 96 14.29 23.08 -5.25
C SER C 96 14.45 24.55 -5.67
N THR C 97 14.12 24.87 -6.92
CA THR C 97 14.27 26.28 -7.32
C THR C 97 13.15 27.09 -6.68
N HIS C 98 11.95 26.54 -6.61
CA HIS C 98 10.83 27.13 -5.85
C HIS C 98 10.56 26.18 -4.68
N PHE C 99 9.49 26.35 -3.91
CA PHE C 99 9.23 25.45 -2.78
C PHE C 99 9.24 24.04 -3.35
N PRO C 100 9.88 23.11 -2.65
CA PRO C 100 10.12 21.78 -3.15
C PRO C 100 8.95 20.98 -3.61
N THR C 101 9.09 20.38 -4.80
CA THR C 101 8.06 19.53 -5.34
C THR C 101 8.77 18.36 -6.05
N PHE C 102 8.04 17.27 -6.18
CA PHE C 102 8.57 16.00 -6.63
C PHE C 102 7.77 15.39 -7.78
N GLY C 103 8.50 14.71 -8.66
CA GLY C 103 7.82 13.97 -9.73
C GLY C 103 7.17 12.74 -9.10
N GLY C 104 6.28 12.07 -9.84
CA GLY C 104 5.57 10.90 -9.37
C GLY C 104 6.38 9.61 -9.36
N GLY C 105 7.57 9.61 -9.96
CA GLY C 105 8.43 8.44 -9.91
C GLY C 105 8.40 7.53 -11.13
N THR C 106 9.57 7.04 -11.51
CA THR C 106 9.68 6.10 -12.61
C THR C 106 10.22 4.79 -12.05
N LYS C 107 9.49 3.68 -12.09
CA LYS C 107 10.01 2.45 -11.54
C LYS C 107 10.88 1.72 -12.58
N LEU C 108 12.15 1.52 -12.25
CA LEU C 108 13.09 0.78 -13.08
C LEU C 108 12.91 -0.70 -12.71
N GLU C 109 12.49 -1.56 -13.64
CA GLU C 109 12.31 -2.95 -13.22
C GLU C 109 12.92 -3.95 -14.19
N ILE C 110 13.06 -5.18 -13.74
CA ILE C 110 13.63 -6.26 -14.53
C ILE C 110 12.65 -6.71 -15.62
N LYS C 111 13.15 -6.69 -16.85
CA LYS C 111 12.39 -7.15 -18.00
C LYS C 111 12.25 -8.66 -17.97
N ARG C 112 11.09 -9.09 -18.40
CA ARG C 112 10.62 -10.46 -18.49
C ARG C 112 10.00 -10.66 -19.86
N ALA C 113 9.70 -11.89 -20.24
CA ALA C 113 8.98 -12.07 -21.51
C ALA C 113 7.49 -11.81 -21.27
N ASP C 114 6.76 -11.30 -22.25
CA ASP C 114 5.34 -11.04 -22.12
C ASP C 114 4.56 -12.27 -21.70
N ALA C 115 3.60 -12.12 -20.79
CA ALA C 115 2.82 -13.24 -20.33
C ALA C 115 1.35 -12.82 -20.15
N ALA C 116 0.43 -13.58 -20.75
CA ALA C 116 -0.99 -13.27 -20.58
C ALA C 116 -1.43 -13.70 -19.18
N PRO C 117 -2.42 -13.01 -18.62
CA PRO C 117 -2.89 -13.33 -17.28
C PRO C 117 -3.76 -14.57 -17.22
N THR C 118 -3.77 -15.28 -16.12
CA THR C 118 -4.75 -16.36 -15.90
C THR C 118 -5.87 -15.68 -15.09
N VAL C 119 -7.07 -15.62 -15.63
CA VAL C 119 -8.22 -14.96 -15.02
C VAL C 119 -9.17 -15.92 -14.34
N SER C 120 -9.54 -15.65 -13.09
CA SER C 120 -10.51 -16.45 -12.35
C SER C 120 -11.52 -15.55 -11.63
N ILE C 121 -12.81 -15.86 -11.76
CA ILE C 121 -13.86 -15.05 -11.18
C ILE C 121 -14.56 -15.82 -10.07
N PHE C 122 -14.91 -15.13 -8.97
CA PHE C 122 -15.52 -15.75 -7.83
C PHE C 122 -16.76 -15.00 -7.37
N PRO C 123 -17.90 -15.68 -7.39
CA PRO C 123 -19.13 -15.11 -6.82
C PRO C 123 -18.96 -14.93 -5.33
N PRO C 124 -19.83 -14.11 -4.76
CA PRO C 124 -19.87 -13.92 -3.31
C PRO C 124 -20.01 -15.28 -2.65
N SER C 125 -19.45 -15.43 -1.46
CA SER C 125 -19.61 -16.69 -0.76
C SER C 125 -20.98 -16.74 -0.09
N SER C 126 -21.42 -17.96 0.18
CA SER C 126 -22.64 -18.18 0.98
C SER C 126 -22.56 -17.44 2.30
N GLU C 127 -21.37 -17.52 2.92
CA GLU C 127 -21.12 -16.85 4.19
C GLU C 127 -21.39 -15.36 4.13
N GLN C 128 -20.78 -14.65 3.18
CA GLN C 128 -20.95 -13.21 3.06
C GLN C 128 -22.41 -12.88 2.73
N LEU C 129 -23.03 -13.70 1.86
CA LEU C 129 -24.41 -13.32 1.52
C LEU C 129 -25.32 -13.45 2.74
N THR C 130 -25.09 -14.47 3.56
CA THR C 130 -25.85 -14.63 4.81
C THR C 130 -25.75 -13.37 5.66
N SER C 131 -24.57 -12.78 5.65
CA SER C 131 -24.23 -11.57 6.38
C SER C 131 -24.85 -10.32 5.80
N GLY C 132 -25.35 -10.34 4.57
CA GLY C 132 -25.95 -9.13 3.99
C GLY C 132 -25.01 -8.42 3.04
N GLY C 133 -23.85 -9.02 2.72
CA GLY C 133 -22.93 -8.30 1.80
C GLY C 133 -22.65 -9.14 0.57
N ALA C 134 -22.04 -8.53 -0.45
CA ALA C 134 -21.74 -9.29 -1.68
C ALA C 134 -20.49 -8.77 -2.36
N SER C 135 -19.39 -9.54 -2.22
CA SER C 135 -18.16 -9.16 -2.89
C SER C 135 -17.93 -10.17 -4.01
N VAL C 136 -17.66 -9.61 -5.19
CA VAL C 136 -17.38 -10.42 -6.36
C VAL C 136 -15.88 -10.20 -6.64
N VAL C 137 -15.12 -11.29 -6.76
CA VAL C 137 -13.67 -11.12 -6.87
C VAL C 137 -13.15 -11.71 -8.17
N CYS C 138 -12.11 -11.08 -8.69
CA CYS C 138 -11.46 -11.58 -9.89
C CYS C 138 -9.95 -11.46 -9.71
N PHE C 139 -9.24 -12.54 -9.91
CA PHE C 139 -7.78 -12.54 -9.85
C PHE C 139 -7.28 -12.64 -11.30
N LEU C 140 -6.28 -11.82 -11.53
CA LEU C 140 -5.60 -11.74 -12.84
C LEU C 140 -4.13 -12.03 -12.52
N ASN C 141 -3.73 -13.32 -12.65
CA ASN C 141 -2.45 -13.73 -12.15
C ASN C 141 -1.37 -14.04 -13.20
N ASN C 142 -0.15 -13.72 -12.78
CA ASN C 142 1.09 -14.00 -13.50
C ASN C 142 1.15 -13.45 -14.90
N PHE C 143 1.04 -12.13 -15.07
CA PHE C 143 1.10 -11.53 -16.40
C PHE C 143 2.31 -10.60 -16.48
N TYR C 144 2.65 -10.18 -17.69
CA TYR C 144 3.76 -9.24 -17.92
C TYR C 144 3.61 -8.72 -19.33
N PRO C 145 3.69 -7.42 -19.55
CA PRO C 145 3.99 -6.44 -18.55
C PRO C 145 2.88 -6.08 -17.56
N LYS C 146 3.12 -5.11 -16.70
CA LYS C 146 2.18 -4.71 -15.66
C LYS C 146 0.89 -4.06 -16.13
N ASP C 147 0.95 -3.24 -17.16
CA ASP C 147 -0.23 -2.56 -17.67
C ASP C 147 -1.29 -3.57 -18.02
N ILE C 148 -2.46 -3.44 -17.40
CA ILE C 148 -3.56 -4.38 -17.71
C ILE C 148 -4.83 -3.58 -17.45
N ASN C 149 -5.84 -3.81 -18.30
CA ASN C 149 -7.08 -3.02 -18.06
C ASN C 149 -8.14 -4.06 -17.71
N VAL C 150 -8.90 -3.80 -16.65
CA VAL C 150 -9.91 -4.74 -16.23
C VAL C 150 -11.28 -4.03 -16.19
N LYS C 151 -12.29 -4.73 -16.69
CA LYS C 151 -13.64 -4.19 -16.70
C LYS C 151 -14.60 -5.20 -16.07
N TRP C 152 -15.49 -4.69 -15.22
CA TRP C 152 -16.56 -5.50 -14.65
C TRP C 152 -17.78 -5.20 -15.53
N LYS C 153 -18.46 -6.25 -15.98
CA LYS C 153 -19.66 -6.11 -16.79
C LYS C 153 -20.80 -6.91 -16.16
N ILE C 154 -21.93 -6.25 -15.96
CA ILE C 154 -23.09 -6.82 -15.31
C ILE C 154 -24.30 -6.72 -16.24
N ASP C 155 -24.73 -7.87 -16.70
CA ASP C 155 -25.77 -7.97 -17.73
C ASP C 155 -25.34 -7.09 -18.91
N GLY C 156 -24.05 -7.08 -19.25
CA GLY C 156 -23.48 -6.35 -20.33
C GLY C 156 -23.03 -4.94 -20.10
N LYS C 157 -23.48 -4.30 -19.02
CA LYS C 157 -23.09 -2.92 -18.76
C LYS C 157 -21.87 -2.89 -17.85
N GLU C 158 -20.98 -1.93 -18.13
CA GLU C 158 -19.83 -1.78 -17.25
C GLU C 158 -20.25 -1.19 -15.89
N ARG C 159 -19.53 -1.61 -14.87
CA ARG C 159 -19.66 -1.16 -13.52
C ARG C 159 -18.26 -0.76 -12.99
N GLN C 160 -18.09 0.48 -12.64
CA GLN C 160 -16.87 1.03 -12.08
C GLN C 160 -17.10 1.31 -10.59
N ASN C 161 -18.35 1.62 -10.25
CA ASN C 161 -18.77 1.92 -8.90
C ASN C 161 -18.61 0.75 -7.93
N GLY C 162 -17.77 0.92 -6.90
CA GLY C 162 -17.58 -0.11 -5.89
C GLY C 162 -16.43 -1.08 -6.20
N VAL C 163 -15.63 -0.77 -7.21
CA VAL C 163 -14.53 -1.65 -7.62
C VAL C 163 -13.22 -1.17 -6.99
N LEU C 164 -12.47 -2.07 -6.37
CA LEU C 164 -11.16 -1.72 -5.81
C LEU C 164 -10.15 -2.78 -6.31
N ASN C 165 -9.02 -2.31 -6.79
CA ASN C 165 -7.99 -3.17 -7.33
C ASN C 165 -6.72 -3.18 -6.47
N SER C 166 -6.01 -4.29 -6.44
CA SER C 166 -4.76 -4.35 -5.67
C SER C 166 -3.76 -5.18 -6.47
N TRP C 167 -2.59 -4.61 -6.64
CA TRP C 167 -1.52 -5.20 -7.42
C TRP C 167 -0.37 -5.64 -6.53
N THR C 168 0.09 -6.84 -6.79
CA THR C 168 1.22 -7.47 -6.12
C THR C 168 2.49 -6.82 -6.66
N ASP C 169 3.57 -6.76 -5.88
CA ASP C 169 4.83 -6.25 -6.41
C ASP C 169 5.38 -7.30 -7.39
N GLN C 170 6.34 -6.87 -8.21
CA GLN C 170 6.92 -7.83 -9.16
C GLN C 170 7.40 -9.08 -8.46
N ASP C 174 10.64 -15.23 -11.02
CA ASP C 174 9.28 -15.14 -11.67
C ASP C 174 9.19 -13.85 -12.46
N SER C 175 9.22 -12.70 -11.78
CA SER C 175 9.22 -11.39 -12.42
C SER C 175 7.89 -10.97 -13.04
N THR C 176 6.82 -11.71 -12.82
CA THR C 176 5.50 -11.37 -13.37
C THR C 176 4.72 -10.56 -12.32
N TYR C 177 3.60 -10.01 -12.74
CA TYR C 177 2.72 -9.23 -11.87
C TYR C 177 1.39 -9.98 -11.69
N SER C 178 0.69 -9.68 -10.59
CA SER C 178 -0.61 -10.27 -10.37
C SER C 178 -1.51 -9.15 -9.81
N MET C 179 -2.81 -9.40 -9.95
CA MET C 179 -3.74 -8.35 -9.54
C MET C 179 -5.09 -8.92 -9.14
N SER C 180 -5.66 -8.28 -8.11
CA SER C 180 -7.02 -8.65 -7.72
C SER C 180 -7.94 -7.47 -7.93
N SER C 181 -9.15 -7.73 -8.42
CA SER C 181 -10.20 -6.73 -8.61
C SER C 181 -11.40 -7.23 -7.81
N THR C 182 -11.95 -6.35 -6.99
CA THR C 182 -13.06 -6.80 -6.13
C THR C 182 -14.21 -5.80 -6.26
N LEU C 183 -15.35 -6.32 -6.69
CA LEU C 183 -16.52 -5.40 -6.83
C LEU C 183 -17.35 -5.62 -5.57
N THR C 184 -17.51 -4.58 -4.76
CA THR C 184 -18.24 -4.78 -3.51
C THR C 184 -19.62 -4.17 -3.62
N LEU C 185 -20.63 -5.01 -3.47
CA LEU C 185 -22.03 -4.54 -3.53
C LEU C 185 -22.76 -4.94 -2.25
N THR C 186 -23.97 -4.44 -2.05
CA THR C 186 -24.81 -4.97 -0.98
C THR C 186 -25.43 -6.26 -1.52
N LYS C 187 -26.03 -7.10 -0.68
CA LYS C 187 -26.70 -8.29 -1.17
C LYS C 187 -27.84 -7.89 -2.11
N ASP C 188 -28.59 -6.86 -1.73
CA ASP C 188 -29.68 -6.36 -2.55
C ASP C 188 -29.25 -5.93 -3.95
N GLU C 189 -28.15 -5.19 -4.05
CA GLU C 189 -27.63 -4.77 -5.36
C GLU C 189 -27.19 -5.98 -6.17
N TYR C 190 -26.50 -6.92 -5.52
CA TYR C 190 -26.02 -8.15 -6.17
C TYR C 190 -27.16 -8.97 -6.78
N GLU C 191 -28.32 -8.96 -6.12
CA GLU C 191 -29.51 -9.65 -6.58
C GLU C 191 -30.26 -8.89 -7.65
N ARG C 192 -29.89 -7.65 -7.94
CA ARG C 192 -30.53 -6.87 -8.98
C ARG C 192 -30.15 -7.41 -10.36
N HIS C 193 -29.02 -8.09 -10.48
CA HIS C 193 -28.60 -8.58 -11.81
C HIS C 193 -28.10 -10.01 -11.73
N ASN C 194 -28.09 -10.71 -12.88
CA ASN C 194 -27.74 -12.11 -12.89
C ASN C 194 -26.44 -12.46 -13.58
N SER C 195 -26.03 -11.72 -14.60
CA SER C 195 -24.80 -12.07 -15.33
C SER C 195 -23.59 -11.22 -14.95
N TYR C 196 -22.56 -11.88 -14.44
CA TYR C 196 -21.36 -11.19 -13.96
C TYR C 196 -20.12 -11.62 -14.73
N THR C 197 -19.44 -10.62 -15.26
CA THR C 197 -18.25 -10.89 -16.08
C THR C 197 -17.08 -10.00 -15.65
N CYS C 198 -15.91 -10.61 -15.63
CA CYS C 198 -14.65 -9.95 -15.39
C CYS C 198 -13.85 -10.02 -16.69
N GLU C 199 -13.54 -8.87 -17.27
CA GLU C 199 -12.91 -8.84 -18.58
C GLU C 199 -11.55 -8.15 -18.52
N ALA C 200 -10.55 -8.85 -19.04
CA ALA C 200 -9.19 -8.31 -19.00
C ALA C 200 -8.62 -8.05 -20.39
N THR C 201 -8.03 -6.87 -20.56
CA THR C 201 -7.37 -6.53 -21.82
C THR C 201 -5.90 -6.32 -21.50
N HIS C 202 -5.04 -7.09 -22.15
CA HIS C 202 -3.60 -7.03 -21.92
C HIS C 202 -2.90 -6.96 -23.28
N LYS C 203 -1.66 -6.49 -23.32
CA LYS C 203 -0.90 -6.35 -24.56
C LYS C 203 -0.74 -7.64 -25.33
N THR C 204 -0.67 -8.78 -24.66
CA THR C 204 -0.48 -10.07 -25.28
C THR C 204 -1.55 -10.43 -26.29
N SER C 205 -2.75 -9.85 -26.20
CA SER C 205 -3.79 -10.19 -27.17
C SER C 205 -4.74 -9.06 -27.51
N THR C 206 -5.24 -9.12 -28.75
CA THR C 206 -6.18 -8.15 -29.26
C THR C 206 -7.58 -8.39 -28.68
N SER C 207 -7.82 -9.62 -28.28
CA SER C 207 -9.04 -10.08 -27.66
C SER C 207 -8.98 -10.09 -26.14
N PRO C 208 -10.04 -9.58 -25.51
CA PRO C 208 -10.15 -9.60 -24.06
C PRO C 208 -10.30 -11.01 -23.52
N ILE C 209 -9.83 -11.26 -22.30
CA ILE C 209 -9.98 -12.54 -21.63
C ILE C 209 -11.23 -12.38 -20.73
N VAL C 210 -12.27 -13.16 -21.02
CA VAL C 210 -13.53 -12.97 -20.30
C VAL C 210 -13.91 -14.16 -19.45
N LYS C 211 -14.19 -13.90 -18.17
CA LYS C 211 -14.61 -14.95 -17.24
C LYS C 211 -15.95 -14.49 -16.62
N SER C 212 -16.93 -15.39 -16.64
CA SER C 212 -18.28 -15.02 -16.22
C SER C 212 -18.88 -16.08 -15.32
N PHE C 213 -19.97 -15.73 -14.64
CA PHE C 213 -20.79 -16.64 -13.90
C PHE C 213 -22.21 -16.05 -13.88
N ASN C 214 -23.13 -16.91 -13.49
CA ASN C 214 -24.53 -16.51 -13.39
C ASN C 214 -24.99 -16.63 -11.95
N ARG C 215 -25.55 -15.58 -11.38
CA ARG C 215 -26.03 -15.64 -10.00
C ARG C 215 -26.95 -16.82 -9.74
N ASN C 216 -27.79 -17.22 -10.68
CA ASN C 216 -28.74 -18.32 -10.44
C ASN C 216 -28.24 -19.71 -10.79
N GLU C 217 -26.95 -19.98 -10.97
CA GLU C 217 -26.57 -21.35 -11.38
C GLU C 217 -26.18 -22.41 -10.40
N ALA D 1 15.88 36.52 -3.09
CA ALA D 1 16.04 35.98 -1.70
C ALA D 1 16.99 34.78 -1.69
N ASN D 2 17.64 34.52 -0.56
CA ASN D 2 18.52 33.36 -0.44
C ASN D 2 17.82 32.24 0.33
N GLY D 3 17.73 32.44 1.65
CA GLY D 3 17.14 31.43 2.51
C GLY D 3 15.61 31.45 2.33
N GLY D 4 15.01 30.26 2.37
CA GLY D 4 13.55 30.23 2.20
C GLY D 4 13.03 28.80 2.33
N ALA D 5 11.87 28.54 1.75
CA ALA D 5 11.23 27.24 1.80
C ALA D 5 12.06 26.10 1.21
N SER D 6 12.92 26.37 0.22
CA SER D 6 13.69 25.26 -0.36
C SER D 6 15.09 25.17 0.18
N GLY D 7 15.40 25.91 1.25
CA GLY D 7 16.69 25.90 1.90
C GLY D 7 17.47 27.20 1.72
N GLN D 8 18.80 27.09 1.71
CA GLN D 8 19.70 28.20 1.56
C GLN D 8 20.85 27.83 0.61
N VAL D 9 21.64 28.82 0.26
CA VAL D 9 22.91 28.61 -0.43
C VAL D 9 23.87 29.37 0.50
N LYS D 10 24.62 28.68 1.35
CA LYS D 10 25.48 29.38 2.29
C LYS D 10 26.69 30.01 1.60
#